data_8QGK
#
_entry.id   8QGK
#
_cell.length_a   63.424
_cell.length_b   74.607
_cell.length_c   118.858
_cell.angle_alpha   90.000
_cell.angle_beta   90.000
_cell.angle_gamma   90.000
#
_symmetry.space_group_name_H-M   'I 2 2 2'
#
loop_
_entity.id
_entity.type
_entity.pdbx_description
1 polymer 'NAD kinase 1'
2 non-polymer 'CITRIC ACID'
3 non-polymer ~{N}-[3-[[(2~{R},3~{S},4~{R},5~{R})-5-(6-aminopurin-9-yl)-3,4-bis(oxidanyl)oxolan-2-yl]methyl-[3-[6-azanyl-9-[(2~{R},3~{R},4~{S},5~{R})-5-(hydroxymethyl)-3,4-bis(oxidanyl)oxolan-2-yl]purin-8-yl]prop-2-ynyl]amino]propyl]ethanamide
4 water water
#
_entity_poly.entity_id   1
_entity_poly.type   'polypeptide(L)'
_entity_poly.pdbx_seq_one_letter_code
;MKYMITSKGDEKSDLLRLNMIAGFGEYDMEYDDVEPEIVISIGGDGTFLSAFHQYEERLDEIAFIGIHTGHLGFYADWRP
AEADKLVKLLAKGEYQKVSYPLLKTTVKYGIGKKEATYLALNESTVKSSGGPFVVDVVINDIHFERFRGDGLCMSTPSGT
TAYNKSLGGALMHPSIEAMQLTEMASINNRVYRTIGSPLVFPKHHVVSLQPVNDKDFQISVDHLSILHRDVQEIRYEVSA
KKIHFARFRSFPFWRRVHDSFIEDLEHHHHHH
;
_entity_poly.pdbx_strand_id   A
#
# COMPACT_ATOMS: atom_id res chain seq x y z
N MET A 1 -17.06 16.28 -10.91
CA MET A 1 -17.59 15.11 -11.61
C MET A 1 -18.24 14.13 -10.65
N LYS A 2 -18.14 12.84 -10.96
CA LYS A 2 -18.69 11.81 -10.10
C LYS A 2 -17.74 11.52 -8.93
N TYR A 3 -18.34 11.15 -7.80
CA TYR A 3 -17.59 10.94 -6.57
C TYR A 3 -18.29 9.88 -5.74
N MET A 4 -17.54 9.32 -4.78
CA MET A 4 -18.12 8.43 -3.79
C MET A 4 -17.36 8.61 -2.49
N ILE A 5 -17.91 8.04 -1.42
CA ILE A 5 -17.33 8.19 -0.08
C ILE A 5 -17.47 6.86 0.65
N THR A 6 -16.34 6.31 1.10
CA THR A 6 -16.37 5.19 2.04
C THR A 6 -16.22 5.70 3.45
N SER A 7 -16.69 4.89 4.40
CA SER A 7 -16.67 5.23 5.81
C SER A 7 -16.21 4.03 6.61
N LYS A 8 -15.49 4.31 7.71
CA LYS A 8 -15.11 3.26 8.64
C LYS A 8 -16.32 2.60 9.28
N GLY A 9 -17.47 3.29 9.30
CA GLY A 9 -18.69 2.73 9.82
C GLY A 9 -19.02 3.13 11.25
N ASP A 10 -18.09 3.72 11.98
CA ASP A 10 -18.44 4.26 13.28
C ASP A 10 -19.26 5.54 13.11
N GLU A 11 -19.82 6.01 14.22
CA GLU A 11 -20.78 7.11 14.14
C GLU A 11 -20.14 8.38 13.59
N LYS A 12 -18.94 8.72 14.08
CA LYS A 12 -18.22 9.87 13.54
C LYS A 12 -18.14 9.80 12.03
N SER A 13 -17.65 8.67 11.51
CA SER A 13 -17.38 8.56 10.09
C SER A 13 -18.67 8.61 9.27
N ASP A 14 -19.67 7.81 9.65
CA ASP A 14 -20.93 7.84 8.94
C ASP A 14 -21.54 9.24 8.93
N LEU A 15 -21.54 9.91 10.08
CA LEU A 15 -22.17 11.23 10.15
C LEU A 15 -21.39 12.25 9.31
N LEU A 16 -20.06 12.23 9.38
CA LEU A 16 -19.27 13.13 8.54
C LEU A 16 -19.54 12.86 7.07
N ARG A 17 -19.68 11.59 6.70
CA ARG A 17 -19.96 11.24 5.31
C ARG A 17 -21.31 11.78 4.87
N LEU A 18 -22.35 11.56 5.67
CA LEU A 18 -23.67 12.09 5.32
C LEU A 18 -23.64 13.62 5.23
N ASN A 19 -22.89 14.28 6.11
CA ASN A 19 -22.75 15.73 6.03
C ASN A 19 -22.06 16.15 4.74
N MET A 20 -20.97 15.47 4.38
CA MET A 20 -20.26 15.84 3.15
C MET A 20 -21.14 15.60 1.94
N ILE A 21 -21.89 14.49 1.92
CA ILE A 21 -22.79 14.22 0.80
C ILE A 21 -23.78 15.36 0.63
N ALA A 22 -24.27 15.92 1.74
CA ALA A 22 -25.20 17.04 1.63
C ALA A 22 -24.51 18.28 1.05
N GLY A 23 -23.27 18.54 1.47
CA GLY A 23 -22.55 19.66 0.90
C GLY A 23 -22.32 19.51 -0.59
N PHE A 24 -21.98 18.29 -1.03
CA PHE A 24 -21.80 18.04 -2.45
C PHE A 24 -23.08 18.29 -3.23
N GLY A 25 -24.22 17.91 -2.66
CA GLY A 25 -25.48 18.15 -3.35
C GLY A 25 -25.69 19.60 -3.70
N GLU A 26 -25.08 20.51 -2.92
CA GLU A 26 -25.20 21.94 -3.18
C GLU A 26 -24.32 22.41 -4.33
N TYR A 27 -23.62 21.49 -4.98
CA TYR A 27 -22.86 21.76 -6.20
C TYR A 27 -23.34 20.80 -7.29
N ASP A 28 -22.76 20.94 -8.48
CA ASP A 28 -22.99 19.96 -9.56
C ASP A 28 -22.09 18.76 -9.32
N MET A 29 -22.42 18.03 -8.24
CA MET A 29 -21.63 16.87 -7.83
C MET A 29 -22.57 15.67 -7.69
N GLU A 30 -22.37 14.66 -8.53
CA GLU A 30 -23.24 13.50 -8.59
C GLU A 30 -22.55 12.30 -7.95
N TYR A 31 -23.22 11.68 -6.99
CA TYR A 31 -22.68 10.54 -6.26
C TYR A 31 -22.77 9.29 -7.13
N ASP A 32 -21.63 8.69 -7.45
CA ASP A 32 -21.58 7.46 -8.23
C ASP A 32 -20.47 6.61 -7.65
N ASP A 33 -20.83 5.51 -6.99
CA ASP A 33 -19.85 4.58 -6.44
C ASP A 33 -19.48 3.49 -7.43
N VAL A 34 -19.84 3.63 -8.70
CA VAL A 34 -19.50 2.66 -9.74
C VAL A 34 -18.32 3.15 -10.57
N GLU A 35 -18.43 4.36 -11.12
CA GLU A 35 -17.35 4.98 -11.89
C GLU A 35 -17.07 6.38 -11.35
N PRO A 36 -16.72 6.50 -10.08
CA PRO A 36 -16.36 7.81 -9.54
C PRO A 36 -15.03 8.28 -10.12
N GLU A 37 -14.87 9.61 -10.13
CA GLU A 37 -13.58 10.20 -10.43
C GLU A 37 -12.88 10.71 -9.18
N ILE A 38 -13.60 10.82 -8.07
CA ILE A 38 -13.04 11.22 -6.80
C ILE A 38 -13.52 10.22 -5.76
N VAL A 39 -12.57 9.64 -5.02
CA VAL A 39 -12.86 8.69 -3.95
C VAL A 39 -12.38 9.29 -2.65
N ILE A 40 -13.32 9.55 -1.74
CA ILE A 40 -13.02 10.07 -0.41
C ILE A 40 -13.12 8.92 0.58
N SER A 41 -12.15 8.83 1.47
CA SER A 41 -12.10 7.79 2.48
C SER A 41 -12.11 8.46 3.85
N ILE A 42 -13.02 8.03 4.71
CA ILE A 42 -13.23 8.64 6.02
C ILE A 42 -12.97 7.59 7.08
N GLY A 43 -11.94 7.80 7.89
CA GLY A 43 -11.57 6.85 8.92
C GLY A 43 -10.08 6.84 9.19
N GLY A 44 -9.42 5.72 8.90
CA GLY A 44 -7.99 5.60 9.10
C GLY A 44 -7.27 5.04 7.88
N ASP A 45 -5.99 4.68 8.05
CA ASP A 45 -5.24 4.16 6.92
C ASP A 45 -5.82 2.85 6.41
N GLY A 46 -6.37 2.04 7.32
CA GLY A 46 -7.02 0.82 6.89
C GLY A 46 -8.21 1.10 5.99
N THR A 47 -9.09 2.02 6.41
CA THR A 47 -10.21 2.42 5.58
C THR A 47 -9.73 2.88 4.21
N PHE A 48 -8.65 3.66 4.16
CA PHE A 48 -8.13 4.12 2.88
C PHE A 48 -7.61 2.94 2.05
N LEU A 49 -6.86 2.04 2.69
CA LEU A 49 -6.41 0.83 2.00
C LEU A 49 -7.58 0.10 1.35
N SER A 50 -8.67 -0.08 2.09
CA SER A 50 -9.83 -0.77 1.55
C SER A 50 -10.41 -0.02 0.35
N ALA A 51 -10.38 1.32 0.39
CA ALA A 51 -10.93 2.09 -0.72
C ALA A 51 -10.05 1.96 -1.96
N PHE A 52 -8.73 2.01 -1.79
CA PHE A 52 -7.82 1.76 -2.90
C PHE A 52 -8.13 0.43 -3.57
N HIS A 53 -8.28 -0.63 -2.78
CA HIS A 53 -8.51 -1.95 -3.36
C HIS A 53 -9.89 -2.10 -3.96
N GLN A 54 -10.90 -1.45 -3.37
CA GLN A 54 -12.22 -1.46 -3.97
C GLN A 54 -12.18 -0.97 -5.42
N TYR A 55 -11.29 -0.02 -5.73
CA TYR A 55 -11.27 0.61 -7.05
C TYR A 55 -9.92 0.46 -7.75
N GLU A 56 -9.18 -0.62 -7.48
CA GLU A 56 -7.87 -0.78 -8.10
C GLU A 56 -7.95 -0.97 -9.62
N GLU A 57 -9.13 -1.18 -10.18
CA GLU A 57 -9.27 -1.38 -11.62
C GLU A 57 -9.49 -0.07 -12.39
N ARG A 58 -9.62 1.06 -11.69
CA ARG A 58 -9.79 2.36 -12.34
C ARG A 58 -8.83 3.37 -11.75
N LEU A 59 -7.59 2.92 -11.46
CA LEU A 59 -6.63 3.79 -10.79
C LEU A 59 -6.26 5.00 -11.63
N ASP A 60 -6.23 4.83 -12.95
CA ASP A 60 -5.88 5.96 -13.81
C ASP A 60 -6.99 7.00 -13.85
N GLU A 61 -8.22 6.64 -13.50
CA GLU A 61 -9.38 7.51 -13.62
C GLU A 61 -9.92 7.95 -12.26
N ILE A 62 -9.06 8.09 -11.26
CA ILE A 62 -9.51 8.41 -9.91
C ILE A 62 -8.41 9.16 -9.16
N ALA A 63 -8.82 10.16 -8.37
CA ALA A 63 -7.96 10.82 -7.41
C ALA A 63 -8.49 10.57 -6.01
N PHE A 64 -7.63 10.09 -5.13
CA PHE A 64 -8.04 9.70 -3.79
C PHE A 64 -7.79 10.82 -2.79
N ILE A 65 -8.57 10.81 -1.70
CA ILE A 65 -8.46 11.78 -0.60
C ILE A 65 -8.82 11.07 0.70
N GLY A 66 -8.02 11.30 1.72
CA GLY A 66 -8.16 10.64 3.01
C GLY A 66 -8.49 11.66 4.11
N ILE A 67 -9.53 11.34 4.88
CA ILE A 67 -9.92 12.08 6.08
C ILE A 67 -9.76 11.15 7.27
N HIS A 68 -9.01 11.57 8.28
CA HIS A 68 -8.82 10.76 9.48
C HIS A 68 -9.73 11.28 10.58
N THR A 69 -10.64 10.41 11.03
CA THR A 69 -11.48 10.73 12.17
C THR A 69 -10.82 10.34 13.49
N GLY A 70 -9.83 9.47 13.45
CA GLY A 70 -8.96 9.17 14.58
C GLY A 70 -7.66 9.93 14.48
N HIS A 71 -6.57 9.29 14.92
CA HIS A 71 -5.25 9.91 14.83
CA HIS A 71 -5.28 9.94 14.84
C HIS A 71 -4.89 10.17 13.38
N LEU A 72 -3.84 10.97 13.17
CA LEU A 72 -3.38 11.27 11.83
C LEU A 72 -2.97 9.99 11.12
N GLY A 73 -3.37 9.87 9.86
CA GLY A 73 -2.93 8.78 9.03
C GLY A 73 -1.89 9.23 8.02
N PHE A 74 -1.28 8.25 7.36
CA PHE A 74 -0.36 8.59 6.29
C PHE A 74 -1.08 8.81 4.98
N TYR A 75 -2.16 8.07 4.75
CA TYR A 75 -2.96 8.32 3.55
C TYR A 75 -4.12 9.26 3.82
N ALA A 76 -4.73 9.17 5.01
CA ALA A 76 -5.84 10.06 5.38
C ALA A 76 -5.29 11.21 6.23
N ASP A 77 -4.75 12.23 5.55
CA ASP A 77 -4.03 13.29 6.21
C ASP A 77 -4.79 14.61 6.27
N TRP A 78 -6.12 14.58 6.17
CA TRP A 78 -6.94 15.78 6.32
C TRP A 78 -7.82 15.66 7.56
N ARG A 79 -8.01 16.77 8.23
CA ARG A 79 -8.74 16.70 9.49
C ARG A 79 -10.24 16.82 9.26
N PRO A 80 -11.05 16.19 10.13
CA PRO A 80 -12.49 16.20 9.93
C PRO A 80 -13.10 17.60 9.90
N ALA A 81 -12.53 18.56 10.63
CA ALA A 81 -13.11 19.89 10.69
C ALA A 81 -12.86 20.71 9.42
N GLU A 82 -11.83 20.37 8.65
CA GLU A 82 -11.61 20.96 7.34
C GLU A 82 -12.52 20.37 6.27
N ALA A 83 -13.52 19.58 6.67
CA ALA A 83 -14.30 18.82 5.70
C ALA A 83 -15.10 19.74 4.79
N ASP A 84 -15.72 20.78 5.34
CA ASP A 84 -16.51 21.68 4.49
C ASP A 84 -15.61 22.41 3.49
N LYS A 85 -14.48 22.95 3.96
CA LYS A 85 -13.55 23.58 3.03
C LYS A 85 -13.10 22.60 1.96
N LEU A 86 -13.11 21.31 2.27
CA LEU A 86 -12.70 20.29 1.31
C LEU A 86 -13.73 20.12 0.20
N VAL A 87 -15.00 19.93 0.57
CA VAL A 87 -16.07 19.82 -0.41
C VAL A 87 -16.04 21.01 -1.35
N LYS A 88 -15.88 22.21 -0.79
CA LYS A 88 -15.72 23.45 -1.54
C LYS A 88 -14.71 23.28 -2.66
N LEU A 89 -13.43 23.09 -2.30
CA LEU A 89 -12.37 23.05 -3.30
C LEU A 89 -12.52 21.86 -4.25
N LEU A 90 -13.07 20.73 -3.77
CA LEU A 90 -13.34 19.61 -4.66
C LEU A 90 -14.30 20.00 -5.78
N ALA A 91 -15.25 20.90 -5.50
CA ALA A 91 -16.24 21.27 -6.50
C ALA A 91 -15.66 22.23 -7.54
N LYS A 92 -15.05 23.32 -7.08
CA LYS A 92 -14.46 24.29 -8.01
C LYS A 92 -13.27 23.68 -8.75
N GLY A 93 -12.60 22.69 -8.16
CA GLY A 93 -11.54 21.99 -8.84
C GLY A 93 -10.18 22.66 -8.76
N GLU A 94 -9.46 22.66 -9.88
CA GLU A 94 -8.17 23.32 -10.04
C GLU A 94 -7.09 22.75 -9.12
N TYR A 95 -7.36 21.64 -8.44
CA TYR A 95 -6.35 21.01 -7.61
C TYR A 95 -5.32 20.30 -8.48
N GLN A 96 -4.16 20.03 -7.88
CA GLN A 96 -3.11 19.24 -8.52
C GLN A 96 -3.21 17.79 -8.05
N LYS A 97 -2.70 16.88 -8.88
CA LYS A 97 -2.69 15.45 -8.58
C LYS A 97 -1.26 15.00 -8.29
N VAL A 98 -1.12 14.13 -7.29
CA VAL A 98 0.17 13.61 -6.85
C VAL A 98 0.12 12.09 -6.96
N SER A 99 1.22 11.49 -7.41
CA SER A 99 1.25 10.07 -7.75
C SER A 99 2.32 9.34 -6.94
N TYR A 100 1.92 8.21 -6.32
CA TYR A 100 2.84 7.33 -5.60
C TYR A 100 3.01 6.00 -6.32
N PRO A 101 4.21 5.44 -6.33
CA PRO A 101 4.41 4.14 -6.98
C PRO A 101 3.69 3.04 -6.22
N LEU A 102 3.41 1.96 -6.94
CA LEU A 102 2.78 0.77 -6.38
C LEU A 102 3.67 -0.44 -6.62
N LEU A 103 3.30 -1.56 -6.00
CA LEU A 103 4.05 -2.80 -6.09
C LEU A 103 3.21 -3.85 -6.79
N LYS A 104 3.79 -4.52 -7.78
CA LYS A 104 3.12 -5.60 -8.49
C LYS A 104 3.64 -6.94 -8.01
N THR A 105 2.71 -7.83 -7.62
CA THR A 105 3.04 -9.18 -7.19
C THR A 105 2.40 -10.18 -8.15
N THR A 106 3.21 -11.11 -8.65
CA THR A 106 2.71 -12.20 -9.49
C THR A 106 2.97 -13.53 -8.81
N VAL A 107 1.94 -14.38 -8.78
CA VAL A 107 2.03 -15.70 -8.17
C VAL A 107 1.75 -16.74 -9.27
N LYS A 108 2.72 -17.62 -9.51
CA LYS A 108 2.59 -18.66 -10.51
C LYS A 108 2.32 -20.00 -9.85
N TYR A 109 1.54 -20.83 -10.54
CA TYR A 109 1.22 -22.18 -10.05
C TYR A 109 1.57 -23.19 -11.13
N GLY A 110 0.96 -24.37 -11.02
CA GLY A 110 1.10 -25.42 -12.02
C GLY A 110 -0.24 -25.98 -12.45
N LYS A 114 -0.77 -21.90 -13.74
CA LYS A 114 -1.70 -20.78 -13.73
C LYS A 114 -1.08 -19.60 -12.96
N GLU A 115 -1.64 -18.40 -13.12
CA GLU A 115 -1.02 -17.19 -12.62
C GLU A 115 -2.06 -16.28 -11.97
N ALA A 116 -1.57 -15.34 -11.16
CA ALA A 116 -2.41 -14.36 -10.49
C ALA A 116 -1.54 -13.19 -10.04
N THR A 117 -1.99 -11.97 -10.32
CA THR A 117 -1.25 -10.77 -9.98
C THR A 117 -2.05 -9.90 -9.02
N TYR A 118 -1.34 -9.21 -8.14
CA TYR A 118 -1.92 -8.29 -7.18
C TYR A 118 -1.15 -6.97 -7.19
N LEU A 119 -1.80 -5.93 -6.68
CA LEU A 119 -1.23 -4.59 -6.63
C LEU A 119 -1.27 -4.12 -5.18
N ALA A 120 -0.12 -3.78 -4.63
CA ALA A 120 -0.01 -3.36 -3.23
C ALA A 120 0.27 -1.87 -3.16
N LEU A 121 -0.42 -1.19 -2.24
CA LEU A 121 -0.11 0.19 -1.88
C LEU A 121 0.85 0.27 -0.70
N ASN A 122 0.70 -0.60 0.30
CA ASN A 122 1.66 -0.69 1.41
C ASN A 122 2.74 -1.73 1.07
N GLU A 123 2.40 -3.01 1.12
CA GLU A 123 3.42 -4.03 0.97
C GLU A 123 2.80 -5.39 0.71
N SER A 124 3.63 -6.31 0.21
CA SER A 124 3.29 -7.71 0.02
C SER A 124 4.26 -8.55 0.83
N THR A 125 3.75 -9.48 1.63
CA THR A 125 4.59 -10.33 2.47
C THR A 125 4.33 -11.81 2.18
N VAL A 126 5.32 -12.64 2.53
CA VAL A 126 5.28 -14.08 2.35
C VAL A 126 5.74 -14.75 3.64
N LYS A 127 4.95 -15.70 4.12
CA LYS A 127 5.31 -16.51 5.28
C LYS A 127 4.96 -17.96 4.96
N SER A 128 5.25 -18.86 5.90
CA SER A 128 5.02 -20.28 5.70
C SER A 128 3.68 -20.71 6.31
N SER A 129 3.07 -21.72 5.69
CA SER A 129 1.80 -22.26 6.14
C SER A 129 1.94 -23.03 7.46
N GLY A 130 2.93 -22.66 8.26
CA GLY A 130 3.19 -23.36 9.51
C GLY A 130 4.57 -23.96 9.55
N GLY A 131 4.91 -24.79 8.56
CA GLY A 131 6.21 -25.39 8.49
C GLY A 131 7.32 -24.36 8.36
N PRO A 132 8.56 -24.83 8.22
CA PRO A 132 9.68 -23.91 8.09
C PRO A 132 9.62 -23.14 6.77
N PHE A 133 9.95 -21.84 6.83
CA PHE A 133 9.97 -21.00 5.65
C PHE A 133 11.38 -20.95 5.08
N VAL A 134 11.57 -21.58 3.92
CA VAL A 134 12.85 -21.60 3.21
C VAL A 134 12.57 -21.25 1.76
N VAL A 135 13.20 -20.19 1.26
CA VAL A 135 12.97 -19.72 -0.10
C VAL A 135 14.29 -19.27 -0.70
N ASP A 136 14.47 -19.57 -1.99
CA ASP A 136 15.60 -19.03 -2.73
C ASP A 136 15.21 -17.67 -3.32
N VAL A 137 16.07 -16.68 -3.11
CA VAL A 137 15.83 -15.32 -3.57
C VAL A 137 16.68 -15.07 -4.81
N VAL A 138 16.03 -14.81 -5.93
CA VAL A 138 16.68 -14.60 -7.22
C VAL A 138 16.42 -13.16 -7.67
N ILE A 139 17.49 -12.45 -8.01
CA ILE A 139 17.41 -11.05 -8.42
C ILE A 139 17.82 -10.96 -9.88
N ASN A 140 16.88 -10.61 -10.75
CA ASN A 140 17.11 -10.50 -12.19
C ASN A 140 17.75 -11.77 -12.73
N ASP A 141 17.30 -12.91 -12.18
CA ASP A 141 17.66 -14.28 -12.58
C ASP A 141 18.97 -14.75 -11.94
N ILE A 142 19.58 -13.95 -11.09
CA ILE A 142 20.80 -14.32 -10.37
C ILE A 142 20.40 -14.80 -8.98
N HIS A 143 20.79 -16.02 -8.63
CA HIS A 143 20.51 -16.53 -7.29
CA HIS A 143 20.51 -16.55 -7.30
C HIS A 143 21.32 -15.75 -6.27
N PHE A 144 20.63 -14.99 -5.43
CA PHE A 144 21.26 -14.10 -4.46
C PHE A 144 21.47 -14.76 -3.09
N GLU A 145 20.46 -15.46 -2.58
CA GLU A 145 20.56 -16.03 -1.24
C GLU A 145 19.48 -17.07 -1.06
N ARG A 146 19.73 -17.98 -0.10
CA ARG A 146 18.71 -18.91 0.39
C ARG A 146 18.23 -18.40 1.74
N PHE A 147 16.97 -17.95 1.81
CA PHE A 147 16.43 -17.36 3.03
C PHE A 147 15.72 -18.40 3.87
N ARG A 148 16.16 -18.55 5.11
CA ARG A 148 15.47 -19.33 6.13
C ARG A 148 15.06 -18.40 7.26
N GLY A 149 13.80 -18.44 7.65
CA GLY A 149 13.31 -17.55 8.70
C GLY A 149 11.79 -17.48 8.70
N ASP A 150 11.28 -16.39 9.27
CA ASP A 150 9.84 -16.21 9.41
C ASP A 150 9.17 -15.70 8.13
N GLY A 151 9.84 -14.85 7.36
CA GLY A 151 9.26 -14.43 6.09
C GLY A 151 9.98 -13.22 5.54
N LEU A 152 9.43 -12.71 4.43
CA LEU A 152 9.99 -11.56 3.72
C LEU A 152 8.89 -10.53 3.47
N CYS A 153 9.29 -9.26 3.37
CA CYS A 153 8.36 -8.15 3.17
C CYS A 153 8.88 -7.27 2.04
N MET A 154 8.03 -7.01 1.04
CA MET A 154 8.35 -6.12 -0.06
C MET A 154 7.41 -4.92 -0.02
N SER A 155 7.99 -3.71 0.01
CA SER A 155 7.28 -2.51 0.38
C SER A 155 7.35 -1.45 -0.72
N THR A 156 6.24 -0.74 -0.95
CA THR A 156 6.26 0.47 -1.76
C THR A 156 7.00 1.55 -0.99
N PRO A 157 7.30 2.68 -1.63
CA PRO A 157 7.83 3.81 -0.86
C PRO A 157 6.89 4.28 0.25
N SER A 158 5.62 4.56 -0.08
CA SER A 158 4.70 5.00 0.95
C SER A 158 4.44 3.92 1.99
N GLY A 159 4.68 2.65 1.65
CA GLY A 159 4.61 1.61 2.63
C GLY A 159 5.77 1.55 3.61
N THR A 160 6.85 2.32 3.38
CA THR A 160 8.03 2.12 4.22
C THR A 160 7.80 2.58 5.66
N THR A 161 6.80 3.43 5.91
CA THR A 161 6.49 3.80 7.28
C THR A 161 5.54 2.82 7.96
N ALA A 162 5.17 1.74 7.30
CA ALA A 162 4.23 0.77 7.82
C ALA A 162 5.01 -0.47 8.29
N TYR A 163 4.64 -1.70 7.88
CA TYR A 163 5.30 -2.92 8.32
C TYR A 163 6.81 -2.87 8.08
N ASN A 164 7.23 -2.38 6.91
CA ASN A 164 8.66 -2.23 6.63
C ASN A 164 9.38 -1.54 7.77
N LYS A 165 8.80 -0.47 8.30
CA LYS A 165 9.45 0.28 9.37
C LYS A 165 9.68 -0.62 10.59
N SER A 166 8.68 -1.41 10.96
CA SER A 166 8.82 -2.26 12.14
C SER A 166 9.88 -3.34 11.94
N LEU A 167 10.25 -3.64 10.71
CA LEU A 167 11.23 -4.69 10.43
C LEU A 167 12.65 -4.13 10.26
N GLY A 168 12.84 -2.83 10.47
CA GLY A 168 14.15 -2.21 10.33
C GLY A 168 14.41 -1.57 8.98
N GLY A 169 13.41 -1.53 8.10
CA GLY A 169 13.61 -0.93 6.80
C GLY A 169 13.84 0.56 6.88
N ALA A 170 14.38 1.11 5.78
CA ALA A 170 14.56 2.54 5.64
C ALA A 170 13.26 3.19 5.15
N LEU A 171 13.01 4.41 5.62
CA LEU A 171 11.92 5.22 5.09
C LEU A 171 12.40 5.95 3.85
N MET A 172 11.65 5.85 2.74
CA MET A 172 12.06 6.51 1.51
C MET A 172 10.96 7.40 0.97
N HIS A 173 11.38 8.52 0.40
CA HIS A 173 10.44 9.50 -0.10
C HIS A 173 9.64 8.92 -1.26
N PRO A 174 8.31 9.14 -1.28
CA PRO A 174 7.46 8.48 -2.28
C PRO A 174 7.75 8.86 -3.73
N SER A 175 8.53 9.91 -3.99
CA SER A 175 8.86 10.25 -5.37
C SER A 175 9.90 9.31 -5.97
N ILE A 176 10.44 8.38 -5.19
CA ILE A 176 11.44 7.43 -5.66
C ILE A 176 10.71 6.18 -6.14
N GLU A 177 10.88 5.84 -7.42
CA GLU A 177 10.21 4.67 -7.99
C GLU A 177 11.05 3.45 -7.65
N ALA A 178 10.70 2.81 -6.54
CA ALA A 178 11.50 1.72 -6.00
C ALA A 178 10.63 0.84 -5.10
N MET A 179 11.21 -0.29 -4.69
CA MET A 179 10.61 -1.22 -3.73
C MET A 179 11.72 -1.71 -2.80
N GLN A 180 11.34 -2.09 -1.58
CA GLN A 180 12.32 -2.41 -0.54
C GLN A 180 11.98 -3.74 0.12
N LEU A 181 12.98 -4.63 0.21
CA LEU A 181 12.83 -5.97 0.77
C LEU A 181 13.48 -6.02 2.14
N THR A 182 12.72 -6.51 3.14
CA THR A 182 13.23 -6.68 4.50
C THR A 182 12.99 -8.11 4.96
N GLU A 183 13.83 -8.53 5.90
CA GLU A 183 13.75 -9.88 6.46
C GLU A 183 12.93 -9.89 7.75
N MET A 184 12.25 -11.00 7.97
CA MET A 184 11.64 -11.31 9.27
C MET A 184 12.45 -12.44 9.89
N ALA A 185 13.12 -12.15 11.00
CA ALA A 185 13.85 -13.14 11.79
C ALA A 185 14.56 -14.19 10.94
N SER A 186 15.61 -13.80 10.21
CA SER A 186 16.40 -14.74 9.44
C SER A 186 17.39 -15.47 10.34
N ILE A 187 17.59 -16.74 10.06
CA ILE A 187 18.62 -17.51 10.74
C ILE A 187 19.94 -17.26 10.04
N ASN A 188 20.99 -16.97 10.82
CA ASN A 188 22.33 -16.80 10.27
C ASN A 188 23.32 -17.51 11.17
N ASN A 189 23.96 -18.54 10.62
CA ASN A 189 24.98 -19.29 11.32
C ASN A 189 26.00 -19.75 10.29
N ARG A 190 26.84 -20.68 10.72
CA ARG A 190 27.84 -21.27 9.84
C ARG A 190 27.20 -21.79 8.56
N VAL A 191 25.99 -22.32 8.67
CA VAL A 191 25.35 -23.04 7.56
C VAL A 191 24.48 -22.10 6.72
N TYR A 192 23.80 -21.15 7.35
CA TYR A 192 22.76 -20.36 6.70
C TYR A 192 23.14 -18.89 6.69
N ARG A 193 22.94 -18.24 5.54
CA ARG A 193 23.54 -16.95 5.23
C ARG A 193 22.53 -16.09 4.49
N THR A 194 22.11 -14.97 5.09
CA THR A 194 21.34 -13.97 4.38
C THR A 194 22.06 -12.63 4.45
N ILE A 195 21.63 -11.68 3.61
CA ILE A 195 22.28 -10.38 3.59
C ILE A 195 21.98 -9.60 4.86
N GLY A 196 20.77 -9.74 5.41
CA GLY A 196 20.40 -9.05 6.64
C GLY A 196 19.91 -7.64 6.38
N SER A 197 20.75 -6.85 5.73
CA SER A 197 20.37 -5.49 5.40
C SER A 197 19.11 -5.50 4.55
N PRO A 198 18.24 -4.49 4.70
CA PRO A 198 17.18 -4.30 3.70
C PRO A 198 17.80 -4.04 2.32
N LEU A 199 17.02 -4.33 1.29
CA LEU A 199 17.43 -4.11 -0.08
C LEU A 199 16.42 -3.21 -0.78
N VAL A 200 16.92 -2.21 -1.51
CA VAL A 200 16.08 -1.23 -2.18
C VAL A 200 16.29 -1.39 -3.68
N PHE A 201 15.21 -1.70 -4.39
CA PHE A 201 15.31 -2.05 -5.80
C PHE A 201 14.72 -0.96 -6.68
N PRO A 202 15.33 -0.72 -7.84
CA PRO A 202 14.80 0.28 -8.77
C PRO A 202 13.72 -0.32 -9.66
N LYS A 203 13.09 0.55 -10.43
CA LYS A 203 12.13 0.11 -11.43
C LYS A 203 12.78 -0.88 -12.38
N HIS A 204 11.99 -1.86 -12.82
CA HIS A 204 12.35 -2.86 -13.83
C HIS A 204 13.16 -4.03 -13.25
N HIS A 205 13.66 -3.94 -12.02
CA HIS A 205 14.28 -5.10 -11.39
C HIS A 205 13.20 -6.07 -10.95
N VAL A 206 13.50 -7.36 -11.07
CA VAL A 206 12.55 -8.41 -10.71
C VAL A 206 13.17 -9.24 -9.61
N VAL A 207 12.56 -9.21 -8.42
CA VAL A 207 12.91 -10.10 -7.33
C VAL A 207 11.92 -11.27 -7.34
N SER A 208 12.46 -12.48 -7.28
CA SER A 208 11.67 -13.70 -7.44
C SER A 208 11.97 -14.62 -6.27
N LEU A 209 10.92 -15.14 -5.66
CA LEU A 209 11.03 -16.11 -4.58
C LEU A 209 10.59 -17.48 -5.08
N GLN A 210 11.40 -18.51 -4.83
CA GLN A 210 11.18 -19.85 -5.32
C GLN A 210 11.29 -20.84 -4.18
N PRO A 211 10.37 -21.79 -4.09
CA PRO A 211 10.33 -22.70 -2.93
C PRO A 211 11.45 -23.73 -2.99
N VAL A 212 11.86 -24.18 -1.81
CA VAL A 212 12.93 -25.17 -1.67
C VAL A 212 12.38 -26.54 -1.27
N ASN A 213 11.44 -26.57 -0.33
CA ASN A 213 10.73 -27.80 -0.01
C ASN A 213 9.23 -27.52 -0.07
N ASP A 214 8.63 -27.20 1.08
CA ASP A 214 7.21 -26.85 1.11
C ASP A 214 6.90 -25.79 0.07
N LYS A 215 5.79 -25.97 -0.64
CA LYS A 215 5.34 -25.04 -1.66
C LYS A 215 4.03 -24.34 -1.27
N ASP A 216 3.68 -24.34 0.01
CA ASP A 216 2.50 -23.64 0.51
C ASP A 216 2.94 -22.45 1.35
N PHE A 217 2.45 -21.26 0.99
CA PHE A 217 2.81 -20.03 1.69
C PHE A 217 1.57 -19.20 1.96
N GLN A 218 1.60 -18.47 3.08
CA GLN A 218 0.62 -17.44 3.36
C GLN A 218 1.13 -16.13 2.75
N ILE A 219 0.45 -15.65 1.72
CA ILE A 219 0.82 -14.42 1.02
C ILE A 219 -0.19 -13.33 1.39
N SER A 220 0.34 -12.18 1.79
CA SER A 220 -0.49 -11.03 2.13
C SER A 220 -0.26 -9.91 1.13
N VAL A 221 -1.32 -9.15 0.86
CA VAL A 221 -1.23 -7.94 0.08
C VAL A 221 -2.02 -6.85 0.79
N ASP A 222 -1.31 -5.94 1.45
CA ASP A 222 -1.93 -4.93 2.31
C ASP A 222 -2.70 -5.68 3.40
N HIS A 223 -3.97 -5.42 3.64
CA HIS A 223 -4.65 -5.95 4.81
C HIS A 223 -5.24 -7.35 4.60
N LEU A 224 -4.94 -8.01 3.49
CA LEU A 224 -5.60 -9.28 3.21
C LEU A 224 -4.58 -10.39 2.93
N SER A 225 -4.81 -11.56 3.51
CA SER A 225 -3.86 -12.67 3.50
C SER A 225 -4.50 -13.89 2.85
N ILE A 226 -3.85 -14.39 1.80
CA ILE A 226 -4.36 -15.49 0.97
C ILE A 226 -3.40 -16.66 1.13
N LEU A 227 -3.94 -17.86 1.31
CA LEU A 227 -3.13 -19.07 1.31
C LEU A 227 -3.05 -19.60 -0.11
N HIS A 228 -1.82 -19.75 -0.62
CA HIS A 228 -1.58 -20.23 -1.96
C HIS A 228 -0.92 -21.60 -1.90
N ARG A 229 -1.57 -22.59 -2.50
CA ARG A 229 -1.05 -23.95 -2.55
C ARG A 229 -0.36 -24.20 -3.88
N ASP A 230 0.59 -25.14 -3.86
CA ASP A 230 1.33 -25.54 -5.05
C ASP A 230 1.85 -24.32 -5.80
N VAL A 231 2.67 -23.53 -5.10
CA VAL A 231 3.26 -22.31 -5.63
C VAL A 231 4.64 -22.61 -6.18
N GLN A 232 4.94 -22.06 -7.35
CA GLN A 232 6.24 -22.23 -7.98
C GLN A 232 7.09 -20.97 -7.98
N GLU A 233 6.50 -19.80 -7.76
CA GLU A 233 7.24 -18.57 -7.89
C GLU A 233 6.40 -17.40 -7.41
N ILE A 234 7.05 -16.42 -6.80
CA ILE A 234 6.44 -15.14 -6.45
C ILE A 234 7.35 -14.05 -7.00
N ARG A 235 6.84 -13.24 -7.93
CA ARG A 235 7.62 -12.20 -8.60
C ARG A 235 7.21 -10.82 -8.10
N TYR A 236 8.19 -10.04 -7.67
CA TYR A 236 7.98 -8.66 -7.24
C TYR A 236 8.66 -7.72 -8.22
N GLU A 237 7.97 -6.64 -8.57
CA GLU A 237 8.56 -5.57 -9.34
C GLU A 237 7.74 -4.30 -9.12
N VAL A 238 8.37 -3.15 -9.37
CA VAL A 238 7.66 -1.89 -9.25
C VAL A 238 6.65 -1.79 -10.37
N SER A 239 5.41 -1.47 -10.01
CA SER A 239 4.31 -1.52 -10.95
C SER A 239 4.39 -0.40 -11.98
N ALA A 240 3.86 -0.67 -13.17
CA ALA A 240 3.68 0.37 -14.15
C ALA A 240 2.51 1.30 -13.82
N LYS A 241 1.63 0.87 -12.91
CA LYS A 241 0.51 1.68 -12.48
C LYS A 241 0.85 2.47 -11.22
N LYS A 242 0.23 3.64 -11.07
CA LYS A 242 0.47 4.53 -9.95
C LYS A 242 -0.86 4.98 -9.34
N ILE A 243 -0.83 5.31 -8.05
CA ILE A 243 -2.00 5.86 -7.36
C ILE A 243 -1.92 7.37 -7.39
N HIS A 244 -3.07 8.02 -7.57
CA HIS A 244 -3.15 9.47 -7.70
C HIS A 244 -3.89 10.05 -6.51
N PHE A 245 -3.35 11.12 -5.95
CA PHE A 245 -3.97 11.83 -4.84
C PHE A 245 -4.37 13.22 -5.31
N ALA A 246 -5.60 13.63 -4.95
CA ALA A 246 -5.97 15.03 -5.05
C ALA A 246 -5.25 15.80 -3.95
N ARG A 247 -4.50 16.82 -4.32
CA ARG A 247 -3.78 17.65 -3.35
C ARG A 247 -4.30 19.07 -3.42
N PHE A 248 -4.69 19.61 -2.26
CA PHE A 248 -5.17 20.98 -2.15
C PHE A 248 -4.18 21.88 -1.43
N ARG A 249 -3.10 21.32 -0.92
CA ARG A 249 -2.33 21.98 0.11
C ARG A 249 -0.99 21.28 0.24
N SER A 250 0.04 22.04 0.60
CA SER A 250 1.35 21.44 0.85
C SER A 250 1.33 20.72 2.19
N PHE A 251 1.62 19.43 2.16
CA PHE A 251 1.78 18.62 3.36
C PHE A 251 2.90 17.64 3.07
N PRO A 252 4.15 18.08 3.21
CA PRO A 252 5.28 17.25 2.75
C PRO A 252 5.38 15.93 3.47
N PHE A 253 5.79 14.91 2.73
CA PHE A 253 5.97 13.57 3.28
C PHE A 253 6.79 13.58 4.57
N TRP A 254 7.93 14.28 4.56
CA TRP A 254 8.77 14.26 5.75
C TRP A 254 8.08 14.94 6.93
N ARG A 255 7.20 15.91 6.67
CA ARG A 255 6.42 16.48 7.77
C ARG A 255 5.42 15.45 8.30
N ARG A 256 4.71 14.76 7.40
CA ARG A 256 3.85 13.67 7.83
C ARG A 256 4.62 12.66 8.68
N VAL A 257 5.87 12.37 8.28
CA VAL A 257 6.70 11.46 9.07
C VAL A 257 6.96 12.04 10.46
N HIS A 258 7.45 13.29 10.49
CA HIS A 258 7.71 13.95 11.77
C HIS A 258 6.47 13.98 12.65
N ASP A 259 5.31 14.29 12.06
CA ASP A 259 4.09 14.40 12.85
C ASP A 259 3.66 13.03 13.39
N SER A 260 3.84 11.97 12.61
CA SER A 260 3.41 10.64 13.03
C SER A 260 4.34 10.03 14.06
N PHE A 261 5.64 10.28 13.97
CA PHE A 261 6.62 9.52 14.76
C PHE A 261 7.39 10.34 15.77
N ILE A 262 7.64 11.62 15.52
CA ILE A 262 8.46 12.44 16.43
C ILE A 262 7.59 13.23 17.41
N GLU A 263 6.61 13.98 16.92
CA GLU A 263 5.74 14.80 17.78
C GLU A 263 4.80 15.67 16.94
N ASP A 264 3.63 16.02 17.48
CA ASP A 264 2.64 16.77 16.70
C ASP A 264 1.86 17.80 17.51
#